data_3ZCO
#
_entry.id   3ZCO
#
_cell.length_a   75.320
_cell.length_b   75.320
_cell.length_c   55.570
_cell.angle_alpha   90.00
_cell.angle_beta   90.00
_cell.angle_gamma   120.00
#
_symmetry.space_group_name_H-M   'P 32 1 2'
#
_entity_poly.entity_id   1
_entity_poly.type   'polypeptide(L)'
_entity_poly.pdbx_seq_one_letter_code
;GPSEAINGFKDETISKKIIGMSLLMRTFLYTLAQETEGTNRHTLALETVLIKMVKMLRDNPGYKASKEIKKVICGAWEPA
ITIEKLKQFSWISVVNDLVGEKLVVVVLEEPSASIMVELKLPLEINYAFSMDEEFKNMDCI
;
_entity_poly.pdbx_strand_id   A
#
# COMPACT_ATOMS: atom_id res chain seq x y z
N GLU A 12 -6.65 21.12 -2.37
CA GLU A 12 -5.79 21.39 -1.24
C GLU A 12 -5.94 20.38 -0.09
N THR A 13 -7.01 19.54 -0.14
CA THR A 13 -7.32 18.51 0.86
C THR A 13 -6.27 17.40 0.99
N ILE A 14 -6.31 16.68 2.13
CA ILE A 14 -5.46 15.54 2.49
C ILE A 14 -5.58 14.46 1.41
N SER A 15 -6.83 14.14 1.03
CA SER A 15 -7.21 13.14 0.03
C SER A 15 -6.73 13.48 -1.38
N LYS A 16 -6.76 14.78 -1.76
CA LYS A 16 -6.28 15.30 -3.05
C LYS A 16 -4.75 15.18 -3.10
N LYS A 17 -4.08 15.37 -1.94
CA LYS A 17 -2.62 15.24 -1.78
C LYS A 17 -2.13 13.78 -1.88
N ILE A 18 -3.02 12.80 -1.54
CA ILE A 18 -2.74 11.37 -1.62
C ILE A 18 -2.74 10.97 -3.09
N ILE A 19 -3.73 11.47 -3.86
CA ILE A 19 -3.83 11.21 -5.31
C ILE A 19 -2.56 11.72 -6.00
N GLY A 20 -2.07 12.86 -5.51
CA GLY A 20 -0.86 13.53 -5.94
C GLY A 20 0.41 12.88 -5.41
N MET A 21 0.32 11.58 -5.06
CA MET A 21 1.42 10.76 -4.58
C MET A 21 1.71 9.64 -5.57
N SER A 22 2.84 8.93 -5.34
CA SER A 22 3.30 7.80 -6.14
C SER A 22 2.39 6.60 -5.97
N LEU A 23 2.40 5.73 -6.98
CA LEU A 23 1.61 4.51 -7.03
C LEU A 23 2.02 3.60 -5.90
N LEU A 24 3.34 3.34 -5.73
CA LEU A 24 3.90 2.49 -4.67
C LEU A 24 3.41 2.92 -3.28
N MET A 25 3.40 4.24 -3.02
CA MET A 25 2.93 4.81 -1.77
C MET A 25 1.47 4.54 -1.59
N ARG A 26 0.67 4.80 -2.64
CA ARG A 26 -0.79 4.58 -2.65
C ARG A 26 -1.16 3.10 -2.50
N THR A 27 -0.42 2.17 -3.14
CA THR A 27 -0.80 0.76 -2.99
C THR A 27 -0.57 0.23 -1.59
N PHE A 28 0.47 0.73 -0.89
CA PHE A 28 0.83 0.39 0.50
C PHE A 28 -0.24 0.92 1.43
N LEU A 29 -0.54 2.24 1.26
CA LEU A 29 -1.52 3.01 2.03
C LEU A 29 -2.91 2.45 1.90
N TYR A 30 -3.37 2.20 0.66
CA TYR A 30 -4.70 1.65 0.39
C TYR A 30 -4.81 0.22 0.90
N THR A 31 -3.74 -0.59 0.76
CA THR A 31 -3.77 -1.98 1.28
C THR A 31 -3.87 -1.95 2.81
N LEU A 32 -3.14 -1.05 3.47
CA LEU A 32 -3.12 -0.93 4.92
C LEU A 32 -4.48 -0.51 5.46
N ALA A 33 -5.15 0.42 4.75
CA ALA A 33 -6.50 0.90 5.05
C ALA A 33 -7.53 -0.22 4.88
N GLN A 34 -7.33 -1.07 3.87
CA GLN A 34 -8.17 -2.22 3.55
C GLN A 34 -7.93 -3.39 4.48
N GLU A 35 -6.71 -3.54 4.98
CA GLU A 35 -6.37 -4.68 5.83
C GLU A 35 -6.63 -4.46 7.32
N THR A 36 -6.66 -3.19 7.75
CA THR A 36 -6.92 -2.80 9.14
C THR A 36 -8.39 -2.41 9.36
N GLU A 37 -9.14 -2.14 8.25
CA GLU A 37 -10.57 -1.81 8.36
C GLU A 37 -11.34 -3.00 8.92
N GLY A 38 -11.94 -2.77 10.08
CA GLY A 38 -12.67 -3.77 10.83
C GLY A 38 -12.48 -3.53 12.31
N THR A 39 -11.83 -4.49 13.01
CA THR A 39 -11.57 -4.40 14.46
C THR A 39 -10.44 -3.41 14.85
N ASN A 40 -10.55 -2.16 14.36
CA ASN A 40 -9.65 -1.03 14.57
C ASN A 40 -8.15 -1.34 14.68
N ARG A 41 -7.49 -0.97 15.83
CA ARG A 41 -6.05 -1.13 16.12
C ARG A 41 -5.18 -0.35 15.12
N HIS A 42 -5.45 -0.55 13.81
CA HIS A 42 -4.81 0.07 12.63
C HIS A 42 -3.33 -0.20 12.46
N THR A 43 -2.79 -1.16 13.23
CA THR A 43 -1.38 -1.57 13.23
C THR A 43 -1.21 -2.95 12.64
N LEU A 44 -0.26 -3.07 11.70
CA LEU A 44 0.06 -4.33 11.03
C LEU A 44 1.54 -4.47 10.81
N ALA A 45 2.05 -5.72 10.86
CA ALA A 45 3.46 -6.03 10.60
C ALA A 45 3.77 -5.63 9.16
N LEU A 46 4.95 -5.03 8.93
CA LEU A 46 5.37 -4.60 7.58
C LEU A 46 5.36 -5.79 6.61
N GLU A 47 5.80 -6.98 7.07
CA GLU A 47 5.77 -8.17 6.25
C GLU A 47 4.36 -8.49 5.72
N THR A 48 3.34 -8.45 6.63
CA THR A 48 1.92 -8.69 6.33
C THR A 48 1.38 -7.69 5.31
N VAL A 49 1.73 -6.40 5.44
CA VAL A 49 1.32 -5.35 4.48
C VAL A 49 1.84 -5.70 3.08
N LEU A 50 3.05 -6.27 3.01
CA LEU A 50 3.65 -6.67 1.73
C LEU A 50 2.96 -7.87 1.09
N ILE A 51 2.63 -8.90 1.89
CA ILE A 51 1.90 -10.08 1.38
C ILE A 51 0.48 -9.63 0.92
N LYS A 52 -0.12 -8.66 1.64
CA LYS A 52 -1.45 -8.15 1.29
C LYS A 52 -1.48 -7.24 0.07
N MET A 53 -0.33 -6.65 -0.32
CA MET A 53 -0.25 -5.81 -1.53
C MET A 53 -0.23 -6.71 -2.75
N VAL A 54 0.46 -7.87 -2.64
CA VAL A 54 0.56 -8.93 -3.65
C VAL A 54 -0.83 -9.43 -3.98
N LYS A 55 -1.62 -9.75 -2.93
CA LYS A 55 -3.00 -10.22 -3.06
C LYS A 55 -3.86 -9.19 -3.76
N MET A 56 -3.78 -7.90 -3.35
CA MET A 56 -4.53 -6.81 -3.96
C MET A 56 -4.24 -6.67 -5.46
N LEU A 57 -2.94 -6.67 -5.83
CA LEU A 57 -2.43 -6.59 -7.20
C LEU A 57 -2.90 -7.80 -8.04
N ARG A 58 -2.66 -9.04 -7.57
CA ARG A 58 -3.06 -10.26 -8.31
C ARG A 58 -4.59 -10.49 -8.38
N ASP A 59 -5.33 -10.05 -7.34
CA ASP A 59 -6.79 -10.19 -7.26
C ASP A 59 -7.53 -9.07 -8.00
N ASN A 60 -6.81 -8.00 -8.41
CA ASN A 60 -7.37 -6.89 -9.17
C ASN A 60 -6.60 -6.64 -10.49
N PRO A 61 -6.45 -7.63 -11.40
CA PRO A 61 -5.76 -7.36 -12.68
C PRO A 61 -6.32 -6.16 -13.46
N GLY A 62 -7.63 -5.90 -13.30
CA GLY A 62 -8.32 -4.78 -13.94
C GLY A 62 -7.86 -3.38 -13.56
N TYR A 63 -7.25 -3.21 -12.36
CA TYR A 63 -6.72 -1.94 -11.84
C TYR A 63 -5.60 -1.43 -12.71
N LYS A 64 -5.56 -0.10 -12.97
CA LYS A 64 -4.47 0.53 -13.73
C LYS A 64 -3.17 0.42 -12.92
N ALA A 65 -3.26 0.56 -11.59
CA ALA A 65 -2.14 0.44 -10.67
C ALA A 65 -1.48 -0.94 -10.83
N SER A 66 -2.31 -2.00 -10.86
CA SER A 66 -1.86 -3.39 -10.96
C SER A 66 -1.14 -3.63 -12.28
N LYS A 67 -1.75 -3.16 -13.38
CA LYS A 67 -1.23 -3.25 -14.74
C LYS A 67 0.07 -2.47 -14.92
N GLU A 68 0.17 -1.27 -14.32
CA GLU A 68 1.35 -0.42 -14.45
C GLU A 68 2.54 -0.89 -13.67
N ILE A 69 2.34 -1.40 -12.42
CA ILE A 69 3.41 -1.98 -11.58
C ILE A 69 4.02 -3.17 -12.32
N LYS A 70 3.16 -4.07 -12.85
CA LYS A 70 3.51 -5.28 -13.59
C LYS A 70 4.39 -5.01 -14.78
N LYS A 71 4.14 -3.91 -15.51
CA LYS A 71 4.95 -3.56 -16.68
C LYS A 71 6.39 -3.20 -16.30
N VAL A 72 6.59 -2.58 -15.13
CA VAL A 72 7.94 -2.20 -14.70
C VAL A 72 8.76 -3.31 -14.01
N ILE A 73 8.14 -4.12 -13.14
CA ILE A 73 8.84 -5.18 -12.42
C ILE A 73 8.67 -6.59 -12.99
N CYS A 74 7.82 -6.78 -14.03
CA CYS A 74 7.59 -8.13 -14.57
C CYS A 74 7.68 -8.22 -16.08
N GLY A 75 8.12 -9.39 -16.55
CA GLY A 75 8.22 -9.70 -17.96
C GLY A 75 6.98 -10.40 -18.48
N ALA A 76 6.89 -10.58 -19.80
CA ALA A 76 5.79 -11.23 -20.51
C ALA A 76 5.55 -12.66 -20.00
N TRP A 77 6.64 -13.40 -19.72
CA TRP A 77 6.60 -14.77 -19.19
C TRP A 77 5.95 -14.83 -17.79
N GLU A 78 6.15 -13.78 -16.96
CA GLU A 78 5.59 -13.68 -15.59
C GLU A 78 4.07 -13.44 -15.61
N PRO A 79 3.23 -14.36 -15.05
CA PRO A 79 1.77 -14.14 -15.10
C PRO A 79 1.16 -13.28 -13.98
N ALA A 80 1.86 -13.17 -12.81
CA ALA A 80 1.43 -12.39 -11.65
C ALA A 80 2.61 -12.08 -10.73
N ILE A 81 2.55 -10.91 -10.04
CA ILE A 81 3.53 -10.42 -9.08
C ILE A 81 3.61 -11.36 -7.90
N THR A 82 4.82 -11.68 -7.49
CA THR A 82 5.07 -12.52 -6.33
C THR A 82 5.63 -11.64 -5.21
N ILE A 83 5.75 -12.19 -4.00
CA ILE A 83 6.35 -11.42 -2.91
C ILE A 83 7.82 -11.08 -3.24
N GLU A 84 8.58 -12.08 -3.73
CA GLU A 84 9.98 -11.96 -4.14
C GLU A 84 10.20 -10.89 -5.21
N LYS A 85 9.25 -10.75 -6.15
CA LYS A 85 9.35 -9.73 -7.19
C LYS A 85 9.00 -8.35 -6.64
N LEU A 86 8.03 -8.29 -5.70
CA LEU A 86 7.58 -7.04 -5.06
C LEU A 86 8.60 -6.57 -4.02
N LYS A 87 9.07 -7.50 -3.12
CA LYS A 87 10.07 -7.28 -2.05
C LYS A 87 11.29 -6.50 -2.55
N GLN A 88 11.55 -6.59 -3.88
CA GLN A 88 12.64 -5.93 -4.60
C GLN A 88 12.59 -4.42 -4.46
N PHE A 89 11.41 -3.84 -4.21
CA PHE A 89 11.28 -2.39 -4.04
C PHE A 89 11.79 -2.01 -2.65
N SER A 90 12.07 -0.71 -2.44
CA SER A 90 12.47 -0.23 -1.12
C SER A 90 11.18 0.13 -0.38
N TRP A 91 10.69 -0.84 0.40
CA TRP A 91 9.52 -0.55 1.20
C TRP A 91 9.88 0.38 2.36
N ILE A 92 11.22 0.48 2.67
CA ILE A 92 11.85 1.38 3.64
C ILE A 92 11.53 2.85 3.30
N SER A 93 11.75 3.22 2.04
CA SER A 93 11.57 4.56 1.52
C SER A 93 10.12 5.00 1.50
N VAL A 94 9.19 4.09 1.14
CA VAL A 94 7.78 4.43 1.12
C VAL A 94 7.29 4.65 2.54
N VAL A 95 7.70 3.75 3.46
CA VAL A 95 7.40 3.79 4.88
C VAL A 95 7.94 5.10 5.46
N ASN A 96 9.20 5.44 5.16
CA ASN A 96 9.76 6.72 5.60
C ASN A 96 9.05 7.96 5.02
N ASP A 97 8.70 7.93 3.71
CA ASP A 97 7.95 9.01 3.05
C ASP A 97 6.52 9.17 3.62
N LEU A 98 5.84 8.05 3.91
CA LEU A 98 4.50 8.09 4.47
C LEU A 98 4.46 8.62 5.91
N VAL A 99 5.50 8.30 6.73
CA VAL A 99 5.62 8.85 8.09
C VAL A 99 5.91 10.36 8.01
N GLY A 100 6.63 10.75 6.95
CA GLY A 100 6.93 12.15 6.63
C GLY A 100 5.69 12.97 6.33
N GLU A 101 4.71 12.37 5.62
CA GLU A 101 3.43 13.01 5.28
C GLU A 101 2.45 12.95 6.46
N LYS A 102 2.92 12.36 7.60
CA LYS A 102 2.19 12.13 8.85
C LYS A 102 0.96 11.23 8.63
N LEU A 103 1.06 10.35 7.62
CA LEU A 103 -0.01 9.43 7.26
C LEU A 103 0.15 8.03 7.85
N VAL A 104 1.36 7.73 8.34
CA VAL A 104 1.72 6.44 8.94
C VAL A 104 2.68 6.65 10.13
N VAL A 105 2.68 5.68 11.03
CA VAL A 105 3.56 5.65 12.19
C VAL A 105 4.16 4.25 12.26
N VAL A 106 5.49 4.17 12.49
CA VAL A 106 6.19 2.91 12.66
C VAL A 106 6.12 2.53 14.13
N VAL A 107 5.54 1.36 14.42
CA VAL A 107 5.41 0.82 15.79
C VAL A 107 6.35 -0.40 15.90
N LEU A 108 6.94 -0.65 17.07
CA LEU A 108 7.83 -1.81 17.24
C LEU A 108 7.19 -3.02 17.94
N GLU A 109 7.38 -4.22 17.35
CA GLU A 109 6.84 -5.50 17.84
C GLU A 109 7.47 -5.88 19.17
N GLU A 110 6.62 -6.11 20.20
CA GLU A 110 6.96 -6.40 21.60
C GLU A 110 8.27 -7.14 21.98
N PRO A 111 8.64 -8.35 21.45
CA PRO A 111 9.90 -8.97 21.91
C PRO A 111 11.11 -8.64 21.02
N SER A 112 10.97 -8.83 19.71
CA SER A 112 11.99 -8.58 18.69
C SER A 112 11.58 -7.31 17.95
N ALA A 113 12.53 -6.36 17.77
CA ALA A 113 12.30 -5.07 17.14
C ALA A 113 11.80 -5.15 15.67
N SER A 114 10.71 -5.92 15.46
CA SER A 114 10.09 -6.12 14.16
C SER A 114 9.27 -4.89 13.82
N ILE A 115 9.39 -4.42 12.56
CA ILE A 115 8.68 -3.26 12.06
C ILE A 115 7.18 -3.55 11.92
N MET A 116 6.36 -2.63 12.42
CA MET A 116 4.91 -2.64 12.33
C MET A 116 4.49 -1.24 11.97
N VAL A 117 3.36 -1.12 11.28
CA VAL A 117 2.92 0.16 10.72
C VAL A 117 1.49 0.51 11.14
N GLU A 118 1.28 1.77 11.57
CA GLU A 118 0.00 2.28 12.05
C GLU A 118 -0.61 3.35 11.15
N LEU A 119 -1.78 3.05 10.60
CA LEU A 119 -2.52 3.95 9.74
C LEU A 119 -3.18 5.08 10.55
N LYS A 120 -2.98 6.31 10.10
CA LYS A 120 -3.56 7.52 10.66
C LYS A 120 -4.66 8.01 9.69
N LEU A 121 -5.81 8.43 10.25
CA LEU A 121 -7.00 8.89 9.52
C LEU A 121 -7.42 8.07 8.26
N PRO A 122 -7.92 6.83 8.48
CA PRO A 122 -8.34 5.98 7.36
C PRO A 122 -9.45 6.54 6.46
N LEU A 123 -10.30 7.41 7.02
CA LEU A 123 -11.41 8.03 6.29
C LEU A 123 -10.95 9.06 5.25
N GLU A 124 -9.82 9.74 5.52
CA GLU A 124 -9.19 10.69 4.59
C GLU A 124 -8.46 9.90 3.47
N ILE A 125 -8.00 8.67 3.78
CA ILE A 125 -7.35 7.74 2.86
C ILE A 125 -8.41 7.09 2.00
N ASN A 126 -9.48 6.55 2.63
CA ASN A 126 -10.55 5.89 1.91
C ASN A 126 -11.29 6.87 1.01
N TYR A 127 -11.39 8.16 1.42
CA TYR A 127 -12.00 9.19 0.57
C TYR A 127 -11.12 9.37 -0.69
N ALA A 128 -9.78 9.23 -0.55
CA ALA A 128 -8.82 9.29 -1.66
C ALA A 128 -8.89 7.99 -2.51
N PHE A 129 -9.03 6.79 -1.85
CA PHE A 129 -9.15 5.51 -2.57
C PHE A 129 -10.38 5.54 -3.48
N SER A 130 -11.50 6.06 -2.95
CA SER A 130 -12.78 6.15 -3.65
C SER A 130 -12.74 7.03 -4.89
N MET A 131 -11.89 8.07 -4.90
CA MET A 131 -11.80 8.96 -6.06
C MET A 131 -10.60 8.74 -6.99
N ASP A 132 -9.75 7.72 -6.69
CA ASP A 132 -8.55 7.38 -7.47
C ASP A 132 -8.90 6.57 -8.73
N GLU A 133 -8.54 7.12 -9.90
CA GLU A 133 -8.78 6.52 -11.21
C GLU A 133 -7.84 5.35 -11.59
N GLU A 134 -6.68 5.23 -10.89
CA GLU A 134 -5.71 4.15 -11.11
C GLU A 134 -6.02 2.91 -10.23
N PHE A 135 -6.98 3.07 -9.30
CA PHE A 135 -7.43 2.02 -8.39
C PHE A 135 -8.89 1.58 -8.63
N LYS A 136 -9.31 1.61 -9.89
CA LYS A 136 -10.63 1.12 -10.32
C LYS A 136 -10.43 0.12 -11.47
N ASN A 137 -11.44 -0.76 -11.67
CA ASN A 137 -11.47 -1.79 -12.70
C ASN A 137 -12.56 -1.44 -13.74
N MET A 138 -12.34 -1.85 -15.01
CA MET A 138 -13.23 -1.65 -16.18
C MET A 138 -14.74 -1.39 -15.93
#